data_4R6Q
#
_entry.id   4R6Q
#
_cell.length_a   58.630
_cell.length_b   81.960
_cell.length_c   63.310
_cell.angle_alpha   90.00
_cell.angle_beta   107.12
_cell.angle_gamma   90.00
#
_symmetry.space_group_name_H-M   'P 1 21 1'
#
loop_
_entity.id
_entity.type
_entity.pdbx_description
1 polymer 'Agglutinin alpha chain'
2 polymer 'Agglutinin beta-3 chain'
3 non-polymer NITROBENZENE
4 non-polymer alpha-D-galactopyranose
5 non-polymer 1,2-ETHANEDIOL
6 non-polymer 'ISOPROPYL ALCOHOL'
7 water water
#
loop_
_entity_poly.entity_id
_entity_poly.type
_entity_poly.pdbx_seq_one_letter_code
_entity_poly.pdbx_strand_id
1 'polypeptide(L)'
;GKAFDDGAFTGIREINLSYNKETAIGDFQVVYDLNGSPYVGQNHKSFITGFTPVKISLDFPSEYIMEVSGYTGNVSGYVV
VRSLTFKTNKKTYGPYGVTSGTPFNLPIENGLIVGFKGSIGYWLDYFSMYLSL
;
A,C,E,G
2 'polypeptide(L)' EQSGISQTVIVGPWGAKVS B,D,F,H
#
# COMPACT_ATOMS: atom_id res chain seq x y z
N GLY A 1 2.71 31.53 6.33
CA GLY A 1 4.16 31.20 6.12
C GLY A 1 4.43 30.59 4.75
N LYS A 2 5.60 30.00 4.59
CA LYS A 2 6.04 29.32 3.36
C LYS A 2 5.81 27.79 3.39
N ALA A 3 5.11 27.32 2.38
CA ALA A 3 4.72 25.91 2.31
C ALA A 3 5.91 25.08 1.88
N PHE A 4 5.94 23.84 2.34
CA PHE A 4 6.96 22.90 1.96
C PHE A 4 6.30 21.55 1.90
N ASP A 5 6.89 20.68 1.07
CA ASP A 5 6.34 19.33 0.86
C ASP A 5 7.51 18.45 0.46
N ASP A 6 8.02 17.67 1.41
CA ASP A 6 9.26 16.88 1.09
C ASP A 6 8.89 15.73 0.18
N GLY A 7 7.62 15.25 0.25
CA GLY A 7 7.22 14.01 -0.44
C GLY A 7 7.44 12.81 0.46
N ALA A 8 7.40 11.63 -0.16
CA ALA A 8 7.55 10.35 0.53
C ALA A 8 8.89 9.68 0.17
N PHE A 9 9.42 9.01 1.18
CA PHE A 9 10.72 8.32 1.12
C PHE A 9 10.61 6.94 1.71
N THR A 10 11.74 6.37 2.05
CA THR A 10 11.70 4.98 2.52
C THR A 10 11.72 4.90 4.05
N GLY A 11 11.89 6.03 4.74
CA GLY A 11 12.14 5.97 6.17
C GLY A 11 12.78 7.26 6.61
N ILE A 12 13.07 7.33 7.91
CA ILE A 12 13.62 8.53 8.50
C ILE A 12 14.90 8.13 9.24
N ARG A 13 15.97 8.91 8.96
CA ARG A 13 17.27 8.80 9.64
C ARG A 13 17.53 9.82 10.76
N GLU A 14 17.16 11.04 10.49
CA GLU A 14 17.39 12.13 11.43
C GLU A 14 16.42 13.28 11.22
N ILE A 15 16.09 13.92 12.35
CA ILE A 15 15.27 15.13 12.30
C ILE A 15 16.04 16.26 12.92
N ASN A 16 16.13 17.36 12.20
CA ASN A 16 16.79 18.56 12.74
C ASN A 16 15.72 19.64 12.90
N LEU A 17 15.40 20.06 14.11
CA LEU A 17 14.41 21.13 14.24
C LEU A 17 14.96 22.21 15.18
N SER A 18 14.28 23.31 15.24
CA SER A 18 14.65 24.24 16.29
C SER A 18 13.37 24.70 16.99
N TYR A 19 13.50 25.19 18.24
CA TYR A 19 12.30 25.67 18.94
C TYR A 19 12.69 26.77 19.92
N ASN A 20 11.68 27.49 20.38
CA ASN A 20 11.89 28.52 21.41
C ASN A 20 10.94 28.17 22.58
N LYS A 21 11.52 28.06 23.79
CA LYS A 21 10.85 27.70 25.04
C LYS A 21 9.84 28.71 25.52
N GLU A 22 9.54 29.73 24.72
CA GLU A 22 8.51 30.68 25.04
C GLU A 22 7.53 30.89 23.89
N THR A 23 7.82 30.29 22.72
CA THR A 23 6.96 30.46 21.56
C THR A 23 6.48 29.14 20.94
N ALA A 24 7.20 28.68 19.90
CA ALA A 24 6.75 27.50 19.18
C ALA A 24 7.98 26.87 18.46
N ILE A 25 7.69 25.97 17.53
CA ILE A 25 8.75 25.23 16.80
C ILE A 25 9.10 26.20 15.68
N GLY A 26 10.37 26.30 15.32
CA GLY A 26 10.76 27.18 14.17
C GLY A 26 11.21 26.35 12.99
N ASP A 27 12.52 26.17 12.87
CA ASP A 27 13.06 25.38 11.71
C ASP A 27 12.68 23.89 11.76
N PHE A 28 12.58 23.28 10.56
CA PHE A 28 12.36 21.82 10.45
C PHE A 28 13.08 21.27 9.21
N GLN A 29 13.83 20.20 9.44
CA GLN A 29 14.60 19.56 8.34
C GLN A 29 14.71 18.08 8.63
N VAL A 30 14.67 17.26 7.58
CA VAL A 30 14.68 15.82 7.80
C VAL A 30 15.69 15.14 6.84
N VAL A 31 16.57 14.32 7.41
CA VAL A 31 17.32 13.34 6.67
C VAL A 31 16.48 12.09 6.58
N TYR A 32 15.99 11.85 5.39
CA TYR A 32 15.25 10.62 5.04
C TYR A 32 16.19 9.46 4.72
N ASP A 33 15.63 8.26 4.72
CA ASP A 33 16.25 7.22 3.94
C ASP A 33 15.59 7.15 2.59
N LEU A 34 16.40 6.85 1.56
CA LEU A 34 15.84 6.59 0.23
C LEU A 34 16.53 5.34 -0.32
N ASN A 35 15.86 4.21 -0.21
CA ASN A 35 16.41 2.94 -0.67
C ASN A 35 17.80 2.63 -0.15
N GLY A 36 18.02 2.93 1.12
CA GLY A 36 19.32 2.62 1.71
C GLY A 36 20.33 3.76 1.74
N SER A 37 20.10 4.84 1.01
CA SER A 37 20.95 6.04 1.07
C SER A 37 20.30 7.19 1.85
N PRO A 38 21.12 7.96 2.59
CA PRO A 38 20.56 9.18 3.19
C PRO A 38 20.07 10.20 2.19
N TYR A 39 18.88 10.73 2.38
CA TYR A 39 18.43 11.73 1.49
C TYR A 39 18.33 13.00 2.31
N VAL A 40 19.18 13.98 2.03
CA VAL A 40 19.13 15.22 2.83
C VAL A 40 18.04 16.12 2.35
N GLY A 41 16.93 16.13 3.11
CA GLY A 41 15.80 17.04 2.80
C GLY A 41 16.25 18.52 2.93
N GLN A 42 15.50 19.42 2.25
CA GLN A 42 15.76 20.85 2.29
C GLN A 42 15.51 21.31 3.73
N ASN A 43 16.34 22.23 4.21
CA ASN A 43 16.09 22.85 5.50
C ASN A 43 14.97 23.88 5.35
N HIS A 44 13.88 23.71 6.10
CA HIS A 44 12.73 24.60 6.08
C HIS A 44 12.91 25.56 7.18
N LYS A 45 13.17 26.81 6.80
CA LYS A 45 13.71 27.79 7.78
C LYS A 45 12.63 28.71 8.32
N SER A 46 12.61 28.97 9.61
CA SER A 46 11.80 30.12 10.11
C SER A 46 12.27 31.44 9.47
N PHE A 47 11.33 32.36 9.37
CA PHE A 47 11.61 33.77 8.97
C PHE A 47 12.40 34.55 10.00
N ILE A 48 12.51 34.04 11.24
CA ILE A 48 13.22 34.69 12.33
C ILE A 48 14.28 33.78 12.91
N THR A 49 15.22 34.37 13.66
CA THR A 49 16.30 33.68 14.34
C THR A 49 16.04 33.60 15.83
N GLY A 50 16.95 33.02 16.62
CA GLY A 50 16.82 32.99 18.09
C GLY A 50 16.19 31.70 18.63
N PHE A 51 16.22 30.63 17.82
CA PHE A 51 15.78 29.29 18.28
C PHE A 51 16.88 28.42 18.80
N THR A 52 16.56 27.33 19.53
CA THR A 52 17.56 26.43 19.99
C THR A 52 17.51 25.23 19.03
N PRO A 53 18.66 24.80 18.51
CA PRO A 53 18.53 23.72 17.56
C PRO A 53 18.47 22.38 18.31
N VAL A 54 17.86 21.39 17.69
CA VAL A 54 18.07 20.04 18.17
C VAL A 54 18.17 19.00 17.05
N LYS A 55 19.03 18.00 17.31
CA LYS A 55 19.33 16.95 16.33
C LYS A 55 18.86 15.59 16.88
N ILE A 56 17.89 14.99 16.21
CA ILE A 56 17.32 13.70 16.62
C ILE A 56 17.88 12.73 15.63
N SER A 57 18.86 11.97 16.06
CA SER A 57 19.60 11.07 15.19
C SER A 57 19.15 9.64 15.50
N LEU A 58 18.32 9.07 14.61
CA LEU A 58 17.78 7.73 14.92
C LEU A 58 18.77 6.65 14.50
N ASP A 59 18.74 5.55 15.23
CA ASP A 59 19.49 4.37 14.85
C ASP A 59 18.70 3.63 13.76
N PHE A 60 18.62 4.24 12.58
CA PHE A 60 17.91 3.62 11.44
C PHE A 60 18.70 2.40 10.92
N PRO A 61 18.01 1.30 10.60
CA PRO A 61 16.57 1.09 10.52
C PRO A 61 15.96 0.43 11.75
N SER A 62 16.77 0.14 12.79
CA SER A 62 16.20 -0.59 13.90
C SER A 62 15.33 0.30 14.78
N GLU A 63 15.64 1.60 14.78
CA GLU A 63 14.84 2.56 15.53
C GLU A 63 13.87 3.37 14.61
N TYR A 64 12.62 3.55 15.00
CA TYR A 64 11.68 4.26 14.16
C TYR A 64 10.64 4.93 15.05
N ILE A 65 10.03 6.00 14.52
CA ILE A 65 8.99 6.76 15.22
C ILE A 65 7.67 5.95 15.32
N MET A 66 7.16 5.81 16.55
CA MET A 66 5.87 5.19 16.78
C MET A 66 4.78 6.17 17.17
N GLU A 67 5.16 7.39 17.56
CA GLU A 67 4.09 8.40 17.94
C GLU A 67 4.72 9.78 17.81
N VAL A 68 4.01 10.64 17.12
CA VAL A 68 4.29 12.08 17.08
C VAL A 68 3.17 12.77 17.87
N SER A 69 3.54 13.63 18.84
CA SER A 69 2.50 14.39 19.48
C SER A 69 2.97 15.78 19.70
N GLY A 70 2.08 16.58 20.21
CA GLY A 70 2.45 17.99 20.43
C GLY A 70 1.27 18.86 20.81
N TYR A 71 1.43 20.18 20.63
CA TYR A 71 0.36 21.20 21.00
C TYR A 71 0.26 22.21 19.92
N THR A 72 -0.94 22.64 19.58
CA THR A 72 -1.10 23.78 18.69
C THR A 72 -1.59 24.89 19.61
N GLY A 73 -1.32 26.14 19.27
CA GLY A 73 -1.75 27.22 20.17
C GLY A 73 -1.38 28.55 19.51
N ASN A 74 -1.93 29.65 20.06
CA ASN A 74 -1.67 31.01 19.59
C ASN A 74 -0.28 31.51 20.01
N VAL A 75 0.48 31.98 19.00
CA VAL A 75 1.66 32.81 19.22
C VAL A 75 1.48 34.00 18.32
N SER A 76 1.61 35.21 18.92
CA SER A 76 1.33 36.49 18.25
C SER A 76 0.04 36.50 17.43
N GLY A 77 -0.99 35.77 17.87
CA GLY A 77 -2.23 35.78 17.10
C GLY A 77 -2.38 34.76 15.96
N TYR A 78 -1.34 33.93 15.77
CA TYR A 78 -1.38 32.90 14.75
C TYR A 78 -1.45 31.56 15.46
N VAL A 79 -2.28 30.67 14.93
CA VAL A 79 -2.24 29.28 15.40
C VAL A 79 -0.99 28.60 14.80
N VAL A 80 -0.14 28.08 15.67
CA VAL A 80 1.08 27.44 15.22
C VAL A 80 1.24 26.14 15.94
N VAL A 81 2.18 25.32 15.48
CA VAL A 81 2.64 24.19 16.29
C VAL A 81 3.60 24.63 17.39
N ARG A 82 3.08 24.73 18.62
CA ARG A 82 3.90 25.13 19.80
C ARG A 82 4.92 24.14 20.33
N SER A 83 4.65 22.82 20.19
CA SER A 83 5.51 21.80 20.77
CA SER A 83 5.56 21.80 20.72
C SER A 83 5.42 20.50 19.92
N LEU A 84 6.49 19.71 19.97
CA LEU A 84 6.55 18.40 19.29
C LEU A 84 7.30 17.50 20.19
N THR A 85 6.86 16.23 20.17
CA THR A 85 7.50 15.13 20.86
C THR A 85 7.48 13.91 19.91
N PHE A 86 8.62 13.22 19.81
CA PHE A 86 8.73 12.04 18.90
C PHE A 86 9.04 10.90 19.82
N LYS A 87 8.19 9.88 19.84
CA LYS A 87 8.52 8.70 20.68
C LYS A 87 8.91 7.60 19.70
N THR A 88 10.05 6.94 19.89
CA THR A 88 10.41 5.84 19.01
C THR A 88 10.23 4.53 19.78
N ASN A 89 10.53 3.43 19.10
CA ASN A 89 10.54 2.11 19.80
C ASN A 89 11.69 2.07 20.80
N LYS A 90 12.53 3.09 20.87
CA LYS A 90 13.69 3.03 21.72
C LYS A 90 13.74 4.10 22.82
N LYS A 91 13.24 5.27 22.53
CA LYS A 91 13.44 6.47 23.35
C LYS A 91 12.38 7.50 23.00
N THR A 92 12.19 8.48 23.88
CA THR A 92 11.33 9.62 23.60
C THR A 92 12.17 10.88 23.44
N TYR A 93 11.85 11.68 22.43
CA TYR A 93 12.62 12.90 22.16
C TYR A 93 11.62 14.02 22.31
N GLY A 94 11.88 14.93 23.29
CA GLY A 94 10.99 16.04 23.53
C GLY A 94 10.31 15.87 24.87
N PRO A 95 9.36 16.74 25.18
CA PRO A 95 8.80 17.76 24.27
C PRO A 95 9.75 18.89 23.98
N TYR A 96 9.67 19.39 22.77
CA TYR A 96 10.44 20.54 22.33
C TYR A 96 9.47 21.66 22.15
N GLY A 97 9.71 22.77 22.85
CA GLY A 97 8.86 23.91 22.63
C GLY A 97 8.03 24.19 23.88
N VAL A 98 6.83 24.67 23.66
CA VAL A 98 5.88 24.97 24.78
C VAL A 98 4.61 24.08 24.79
N THR A 99 4.39 23.42 25.92
CA THR A 99 3.37 22.39 26.04
C THR A 99 1.99 22.96 26.49
N SER A 100 1.42 23.80 25.66
CA SER A 100 0.18 24.51 25.98
C SER A 100 -0.63 24.71 24.76
N GLY A 101 -1.94 24.79 24.93
CA GLY A 101 -2.89 24.95 23.82
C GLY A 101 -3.62 23.64 23.70
N THR A 102 -3.94 23.24 22.45
CA THR A 102 -4.70 22.02 22.13
C THR A 102 -3.72 20.90 21.82
N PRO A 103 -3.83 19.79 22.55
CA PRO A 103 -2.93 18.61 22.30
C PRO A 103 -3.37 17.89 21.03
N PHE A 104 -2.39 17.31 20.34
CA PHE A 104 -2.71 16.37 19.24
C PHE A 104 -1.74 15.28 19.40
N ASN A 105 -2.08 14.15 18.77
CA ASN A 105 -1.20 13.02 18.77
C ASN A 105 -1.55 12.03 17.64
N LEU A 106 -0.52 11.42 17.08
CA LEU A 106 -0.62 10.41 16.03
C LEU A 106 0.22 9.26 16.47
N PRO A 107 -0.41 8.32 17.21
CA PRO A 107 0.26 7.10 17.49
C PRO A 107 0.08 6.15 16.32
N ILE A 108 1.14 5.39 16.05
CA ILE A 108 1.07 4.40 14.93
C ILE A 108 1.13 2.98 15.46
N GLU A 109 0.07 2.21 15.18
CA GLU A 109 0.17 0.80 15.54
C GLU A 109 0.96 -0.03 14.50
N ASN A 110 0.80 0.35 13.23
CA ASN A 110 1.47 -0.41 12.17
C ASN A 110 1.66 0.57 11.07
N GLY A 111 2.92 0.67 10.63
CA GLY A 111 3.31 1.53 9.51
C GLY A 111 4.43 2.48 9.98
N LEU A 112 4.78 3.37 9.03
CA LEU A 112 5.89 4.28 9.17
C LEU A 112 5.58 5.63 8.62
N ILE A 113 6.11 6.63 9.33
CA ILE A 113 6.17 8.00 8.78
C ILE A 113 7.32 8.05 7.76
N VAL A 114 7.01 8.44 6.50
CA VAL A 114 7.98 8.43 5.42
C VAL A 114 8.10 9.80 4.79
N GLY A 115 7.54 10.87 5.40
CA GLY A 115 7.64 12.19 4.74
C GLY A 115 6.85 13.21 5.56
N PHE A 116 7.22 14.49 5.39
CA PHE A 116 6.49 15.59 6.02
C PHE A 116 6.16 16.66 5.02
N LYS A 117 5.06 17.36 5.23
CA LYS A 117 4.82 18.57 4.46
C LYS A 117 4.18 19.55 5.47
N GLY A 118 4.10 20.83 5.09
CA GLY A 118 3.57 21.82 6.06
C GLY A 118 3.83 23.23 5.58
N SER A 119 3.94 24.12 6.56
CA SER A 119 4.23 25.54 6.28
C SER A 119 4.94 26.10 7.48
N ILE A 120 5.95 26.96 7.24
CA ILE A 120 6.70 27.66 8.30
C ILE A 120 6.72 29.14 7.96
N GLY A 121 6.26 29.98 8.90
CA GLY A 121 6.52 31.45 8.79
C GLY A 121 7.48 31.83 9.92
N TYR A 122 7.04 32.58 10.96
CA TYR A 122 7.91 32.70 12.09
C TYR A 122 8.08 31.36 12.83
N TRP A 123 6.96 30.61 12.88
CA TRP A 123 6.95 29.27 13.47
C TRP A 123 6.33 28.29 12.54
N LEU A 124 6.50 27.01 12.87
CA LEU A 124 5.79 25.98 12.11
C LEU A 124 4.25 26.18 12.18
N ASP A 125 3.62 26.52 11.06
CA ASP A 125 2.18 26.84 11.05
C ASP A 125 1.29 25.62 11.12
N TYR A 126 1.66 24.62 10.30
CA TYR A 126 0.95 23.30 10.33
C TYR A 126 1.83 22.28 9.66
N PHE A 127 1.53 21.00 9.88
CA PHE A 127 2.26 19.93 9.12
C PHE A 127 1.36 18.73 8.97
N SER A 128 1.72 17.92 8.00
CA SER A 128 1.08 16.62 7.76
C SER A 128 2.20 15.59 7.57
N MET A 129 1.83 14.31 7.67
CA MET A 129 2.81 13.24 7.56
C MET A 129 2.34 12.25 6.50
N TYR A 130 3.30 11.87 5.65
CA TYR A 130 3.03 10.71 4.78
C TYR A 130 3.28 9.43 5.59
N LEU A 131 2.41 8.40 5.40
CA LEU A 131 2.55 7.15 6.08
C LEU A 131 2.59 5.97 5.07
N SER A 132 3.41 4.95 5.36
CA SER A 132 3.44 3.80 4.45
C SER A 132 3.58 2.56 5.30
N LEU A 133 3.45 1.39 4.68
CA LEU A 133 4.02 0.16 5.26
C LEU A 133 5.50 -0.11 4.97
N GLN B 2 -6.00 8.17 -13.17
CA GLN B 2 -5.01 7.09 -13.44
C GLN B 2 -3.76 7.71 -14.06
N SER B 3 -2.78 8.04 -13.23
CA SER B 3 -1.56 8.72 -13.67
C SER B 3 -0.28 7.93 -13.39
N GLY B 4 0.86 8.44 -13.81
CA GLY B 4 2.12 7.74 -13.51
C GLY B 4 2.77 8.12 -12.21
N ILE B 5 2.01 8.84 -11.36
CA ILE B 5 2.57 9.27 -10.04
C ILE B 5 2.02 8.33 -8.96
N SER B 6 2.93 7.75 -8.19
CA SER B 6 2.58 6.84 -7.09
C SER B 6 2.00 7.70 -5.99
N GLN B 7 1.17 7.08 -5.16
CA GLN B 7 0.67 7.88 -4.02
C GLN B 7 0.72 7.15 -2.72
N THR B 8 0.45 7.92 -1.66
CA THR B 8 0.77 7.55 -0.31
C THR B 8 -0.32 8.07 0.63
N VAL B 9 -0.59 7.36 1.72
CA VAL B 9 -1.49 7.93 2.72
C VAL B 9 -0.83 9.17 3.28
N ILE B 10 -1.68 10.16 3.59
CA ILE B 10 -1.21 11.40 4.25
C ILE B 10 -2.21 11.72 5.33
N VAL B 11 -1.74 11.83 6.57
CA VAL B 11 -2.63 12.30 7.69
C VAL B 11 -2.20 13.70 8.11
N GLY B 12 -3.20 14.50 8.52
CA GLY B 12 -2.97 15.88 8.98
C GLY B 12 -3.88 16.76 8.13
N PRO B 13 -3.72 18.07 8.20
CA PRO B 13 -2.71 18.75 8.97
C PRO B 13 -3.15 19.00 10.40
N TRP B 14 -2.16 19.23 11.22
CA TRP B 14 -2.38 19.81 12.53
C TRP B 14 -1.75 21.14 12.57
N GLY B 15 -2.43 22.09 13.20
CA GLY B 15 -1.93 23.46 13.27
C GLY B 15 -2.92 24.40 12.64
N ALA B 16 -2.46 25.50 12.08
CA ALA B 16 -3.40 26.43 11.53
C ALA B 16 -4.25 25.86 10.39
N LYS B 17 -5.48 26.40 10.29
CA LYS B 17 -6.44 26.05 9.23
C LYS B 17 -6.14 26.81 7.96
N GLY C 1 -12.34 -3.56 29.18
CA GLY C 1 -13.55 -4.06 28.51
C GLY C 1 -13.22 -5.17 27.55
N LYS C 2 -14.08 -5.37 26.59
CA LYS C 2 -13.89 -6.49 25.66
C LYS C 2 -13.21 -5.90 24.41
N ALA C 3 -11.97 -6.37 24.12
CA ALA C 3 -11.27 -5.92 22.91
C ALA C 3 -11.99 -6.37 21.69
N PHE C 4 -11.94 -5.52 20.65
CA PHE C 4 -12.53 -5.90 19.37
C PHE C 4 -11.58 -5.46 18.23
N ASP C 5 -11.63 -6.15 17.09
CA ASP C 5 -10.79 -5.77 15.96
C ASP C 5 -11.51 -6.21 14.70
N ASP C 6 -12.15 -5.30 13.99
CA ASP C 6 -12.89 -5.66 12.77
C ASP C 6 -11.95 -6.06 11.61
N GLY C 7 -10.70 -5.56 11.63
CA GLY C 7 -9.78 -5.72 10.50
C GLY C 7 -10.10 -4.72 9.43
N ALA C 8 -9.57 -4.92 8.25
CA ALA C 8 -9.66 -3.94 7.14
C ALA C 8 -10.57 -4.47 6.04
N PHE C 9 -11.27 -3.52 5.42
CA PHE C 9 -12.28 -3.73 4.43
C PHE C 9 -11.98 -2.75 3.30
N THR C 10 -13.00 -2.54 2.45
CA THR C 10 -12.86 -1.80 1.20
C THR C 10 -13.29 -0.33 1.43
N GLY C 11 -13.93 -0.04 2.56
CA GLY C 11 -14.64 1.28 2.68
C GLY C 11 -15.70 1.23 3.79
N ILE C 12 -16.39 2.34 4.04
CA ILE C 12 -17.36 2.44 5.15
C ILE C 12 -18.67 2.92 4.59
N ARG C 13 -19.70 2.18 4.92
CA ARG C 13 -21.05 2.52 4.48
C ARG C 13 -21.89 3.18 5.55
N GLU C 14 -21.78 2.68 6.78
CA GLU C 14 -22.64 3.26 7.81
C GLU C 14 -21.93 3.06 9.13
N ILE C 15 -22.07 4.03 10.04
CA ILE C 15 -21.56 3.81 11.41
C ILE C 15 -22.73 3.92 12.35
N ASN C 16 -22.87 2.90 13.17
CA ASN C 16 -23.88 2.95 14.25
C ASN C 16 -23.19 3.15 15.57
N LEU C 17 -23.62 4.12 16.35
CA LEU C 17 -23.02 4.16 17.65
C LEU C 17 -24.07 4.53 18.68
N SER C 18 -23.71 4.45 19.95
CA SER C 18 -24.65 4.95 20.96
C SER C 18 -23.87 5.79 21.99
N TYR C 19 -24.55 6.71 22.64
CA TYR C 19 -23.85 7.60 23.56
C TYR C 19 -24.86 8.04 24.62
N ASN C 20 -24.35 8.61 25.71
CA ASN C 20 -25.18 9.24 26.73
C ASN C 20 -24.51 10.57 27.05
N LYS C 21 -25.29 11.65 27.12
CA LYS C 21 -24.81 13.01 27.26
C LYS C 21 -24.23 13.28 28.66
N GLU C 22 -24.32 12.32 29.56
CA GLU C 22 -23.73 12.47 30.90
C GLU C 22 -22.57 11.50 31.17
N THR C 23 -22.34 10.53 30.28
CA THR C 23 -21.24 9.63 30.47
C THR C 23 -20.27 9.70 29.20
N ALA C 24 -20.47 8.78 28.25
CA ALA C 24 -19.50 8.65 27.18
C ALA C 24 -20.14 7.82 26.07
N ILE C 25 -19.34 7.46 25.05
CA ILE C 25 -19.77 6.56 23.99
C ILE C 25 -19.93 5.14 24.52
N GLY C 26 -20.99 4.47 24.05
CA GLY C 26 -21.35 3.09 24.52
C GLY C 26 -21.06 2.18 23.37
N ASP C 27 -21.99 1.98 22.47
CA ASP C 27 -21.84 0.85 21.51
C ASP C 27 -21.27 1.36 20.20
N PHE C 28 -20.78 0.43 19.39
CA PHE C 28 -20.11 0.80 18.16
C PHE C 28 -20.22 -0.38 17.18
N GLN C 29 -20.74 -0.11 15.97
CA GLN C 29 -20.92 -1.09 14.91
C GLN C 29 -20.77 -0.39 13.59
N VAL C 30 -20.04 -1.01 12.68
CA VAL C 30 -19.87 -0.44 11.34
C VAL C 30 -20.41 -1.40 10.29
N VAL C 31 -21.10 -0.84 9.30
CA VAL C 31 -21.37 -1.53 8.03
C VAL C 31 -20.26 -1.08 7.07
N TYR C 32 -19.40 -2.03 6.73
CA TYR C 32 -18.31 -1.78 5.82
C TYR C 32 -18.71 -2.00 4.36
N ASP C 33 -17.92 -1.45 3.46
CA ASP C 33 -17.95 -2.00 2.09
C ASP C 33 -16.90 -3.09 1.97
N LEU C 34 -17.27 -4.20 1.31
CA LEU C 34 -16.33 -5.23 0.96
C LEU C 34 -16.45 -5.44 -0.54
N ASN C 35 -15.59 -4.79 -1.32
CA ASN C 35 -15.48 -5.00 -2.80
C ASN C 35 -16.80 -4.68 -3.45
N GLY C 36 -17.37 -3.54 -3.04
CA GLY C 36 -18.62 -3.12 -3.62
C GLY C 36 -19.87 -3.70 -2.98
N SER C 37 -19.78 -4.57 -1.98
CA SER C 37 -20.98 -5.10 -1.34
C SER C 37 -20.99 -4.71 0.15
N PRO C 38 -22.18 -4.49 0.74
CA PRO C 38 -22.20 -4.22 2.22
C PRO C 38 -21.77 -5.42 3.04
N TYR C 39 -20.97 -5.18 4.07
CA TYR C 39 -20.55 -6.20 5.01
C TYR C 39 -20.87 -5.70 6.41
N VAL C 40 -21.76 -6.39 7.12
CA VAL C 40 -22.31 -5.81 8.39
C VAL C 40 -21.32 -6.31 9.46
N GLY C 41 -20.60 -5.40 10.10
CA GLY C 41 -19.60 -5.78 11.08
C GLY C 41 -20.26 -6.20 12.38
N GLN C 42 -19.47 -6.80 13.23
CA GLN C 42 -19.88 -7.22 14.53
C GLN C 42 -20.34 -5.98 15.30
N ASN C 43 -21.32 -6.15 16.15
CA ASN C 43 -21.81 -5.06 16.99
C ASN C 43 -21.05 -5.10 18.31
N HIS C 44 -20.28 -4.04 18.58
CA HIS C 44 -19.47 -3.97 19.80
C HIS C 44 -20.27 -3.24 20.85
N LYS C 45 -20.79 -4.06 21.79
CA LYS C 45 -21.80 -3.57 22.71
C LYS C 45 -21.22 -3.33 24.09
N SER C 46 -21.73 -2.27 24.67
CA SER C 46 -21.42 -1.95 26.05
C SER C 46 -21.93 -3.06 26.99
N PHE C 47 -21.29 -3.16 28.13
CA PHE C 47 -21.76 -4.06 29.21
C PHE C 47 -23.07 -3.56 29.85
N ILE C 48 -23.36 -2.27 29.75
CA ILE C 48 -24.59 -1.72 30.26
C ILE C 48 -25.39 -1.25 29.11
N THR C 49 -26.60 -0.76 29.39
CA THR C 49 -27.50 -0.26 28.41
C THR C 49 -28.20 1.02 28.91
N GLY C 50 -28.97 1.62 28.02
CA GLY C 50 -29.69 2.89 28.22
C GLY C 50 -29.08 4.01 27.37
N PHE C 51 -28.19 3.66 26.46
CA PHE C 51 -27.60 4.73 25.64
C PHE C 51 -28.55 5.22 24.54
N THR C 52 -28.25 6.34 23.94
CA THR C 52 -29.03 6.84 22.80
C THR C 52 -28.34 6.36 21.52
N PRO C 53 -29.06 5.58 20.65
CA PRO C 53 -28.47 5.15 19.36
C PRO C 53 -28.39 6.26 18.30
N VAL C 54 -27.40 6.14 17.40
CA VAL C 54 -27.17 7.08 16.34
C VAL C 54 -26.83 6.21 15.10
N LYS C 55 -27.50 6.45 13.97
CA LYS C 55 -27.13 5.75 12.70
C LYS C 55 -26.56 6.83 11.76
N ILE C 56 -25.30 6.68 11.34
CA ILE C 56 -24.68 7.58 10.36
C ILE C 56 -24.63 6.78 9.07
N SER C 57 -25.46 7.16 8.08
CA SER C 57 -25.65 6.40 6.85
C SER C 57 -24.95 7.20 5.80
N LEU C 58 -23.80 6.74 5.31
CA LEU C 58 -23.05 7.54 4.32
C LEU C 58 -23.54 7.23 2.91
N ASP C 59 -23.36 8.22 2.04
CA ASP C 59 -23.73 8.11 0.64
C ASP C 59 -22.48 7.51 0.00
N PHE C 60 -22.23 6.25 0.33
CA PHE C 60 -21.14 5.48 -0.28
C PHE C 60 -21.47 5.15 -1.74
N PRO C 61 -20.46 5.20 -2.62
CA PRO C 61 -19.09 5.55 -2.37
C PRO C 61 -18.70 7.05 -2.49
N SER C 62 -19.62 7.98 -2.78
CA SER C 62 -19.20 9.35 -2.99
C SER C 62 -18.82 10.07 -1.69
N GLU C 63 -19.42 9.63 -0.58
CA GLU C 63 -19.20 10.26 0.75
C GLU C 63 -18.27 9.41 1.60
N TYR C 64 -17.27 10.06 2.16
CA TYR C 64 -16.27 9.35 2.92
C TYR C 64 -15.82 10.24 4.03
N ILE C 65 -15.41 9.59 5.12
CA ILE C 65 -14.88 10.33 6.32
C ILE C 65 -13.51 10.93 6.07
N MET C 66 -13.36 12.23 6.41
CA MET C 66 -12.08 12.96 6.23
C MET C 66 -11.44 13.27 7.55
N GLU C 67 -12.24 13.18 8.64
CA GLU C 67 -11.69 13.56 9.97
C GLU C 67 -12.50 12.89 11.04
N VAL C 68 -11.82 12.25 11.97
CA VAL C 68 -12.43 11.71 13.19
C VAL C 68 -11.88 12.53 14.35
N SER C 69 -12.77 13.00 15.25
CA SER C 69 -12.25 13.72 16.42
C SER C 69 -13.05 13.34 17.65
N GLY C 70 -12.51 13.68 18.80
CA GLY C 70 -13.27 13.39 20.00
C GLY C 70 -12.61 13.86 21.27
N TYR C 71 -13.15 13.38 22.41
CA TYR C 71 -12.55 13.68 23.68
C TYR C 71 -12.43 12.46 24.54
N THR C 72 -11.40 12.45 25.35
CA THR C 72 -11.28 11.38 26.33
C THR C 72 -11.33 12.03 27.68
N GLY C 73 -11.83 11.31 28.67
CA GLY C 73 -11.84 11.87 30.02
C GLY C 73 -12.39 10.79 30.95
N ASN C 74 -12.47 11.12 32.24
CA ASN C 74 -12.69 10.08 33.24
C ASN C 74 -14.19 9.99 33.56
N VAL C 75 -14.73 8.77 33.61
CA VAL C 75 -16.16 8.61 33.94
C VAL C 75 -16.16 7.50 34.99
N SER C 76 -16.62 7.79 36.21
CA SER C 76 -16.73 6.77 37.28
C SER C 76 -15.41 6.05 37.55
N GLY C 77 -14.30 6.77 37.33
CA GLY C 77 -12.92 6.29 37.56
C GLY C 77 -12.24 5.70 36.34
N TYR C 78 -12.96 5.65 35.21
CA TYR C 78 -12.40 4.97 33.99
C TYR C 78 -12.15 6.07 32.98
N VAL C 79 -10.98 6.05 32.36
CA VAL C 79 -10.67 7.02 31.29
C VAL C 79 -11.14 6.42 29.96
N VAL C 80 -12.09 7.11 29.35
CA VAL C 80 -12.78 6.54 28.18
C VAL C 80 -12.95 7.61 27.13
N VAL C 81 -13.45 7.19 25.96
CA VAL C 81 -13.78 8.11 24.91
C VAL C 81 -15.20 8.67 25.19
N ARG C 82 -15.24 9.91 25.62
CA ARG C 82 -16.51 10.60 25.95
C ARG C 82 -17.35 11.15 24.81
N SER C 83 -16.68 11.47 23.68
CA SER C 83 -17.32 12.13 22.57
C SER C 83 -16.65 11.69 21.26
N LEU C 84 -17.44 11.65 20.19
CA LEU C 84 -16.91 11.39 18.88
C LEU C 84 -17.60 12.31 17.90
N THR C 85 -16.81 12.74 16.90
CA THR C 85 -17.34 13.47 15.75
C THR C 85 -16.71 12.94 14.44
N PHE C 86 -17.52 12.87 13.39
CA PHE C 86 -17.08 12.31 12.10
C PHE C 86 -17.39 13.39 11.06
N LYS C 87 -16.31 13.91 10.43
CA LYS C 87 -16.45 14.86 9.38
C LYS C 87 -16.24 14.18 8.05
N THR C 88 -17.21 14.24 7.15
CA THR C 88 -17.00 13.68 5.82
C THR C 88 -16.82 14.82 4.83
N ASN C 89 -16.69 14.47 3.55
CA ASN C 89 -16.62 15.51 2.50
C ASN C 89 -17.99 16.20 2.29
N LYS C 90 -19.03 15.58 2.83
CA LYS C 90 -20.43 16.09 2.71
C LYS C 90 -20.82 16.91 3.97
N LYS C 91 -20.63 16.35 5.17
CA LYS C 91 -21.06 17.09 6.35
C LYS C 91 -20.43 16.55 7.62
N THR C 92 -20.82 17.12 8.76
CA THR C 92 -20.24 16.73 10.04
C THR C 92 -21.31 16.05 10.84
N TYR C 93 -20.99 14.89 11.40
CA TYR C 93 -21.88 14.07 12.24
C TYR C 93 -21.37 14.13 13.65
N GLY C 94 -22.17 14.72 14.55
CA GLY C 94 -21.70 14.90 15.90
C GLY C 94 -21.38 16.37 16.26
N PRO C 95 -20.87 16.61 17.47
CA PRO C 95 -20.41 15.61 18.47
C PRO C 95 -21.52 14.81 19.11
N TYR C 96 -21.18 13.56 19.39
CA TYR C 96 -22.02 12.66 20.16
C TYR C 96 -21.33 12.45 21.45
N GLY C 97 -22.01 12.70 22.56
CA GLY C 97 -21.45 12.32 23.85
C GLY C 97 -21.15 13.59 24.57
N VAL C 98 -20.14 13.59 25.38
CA VAL C 98 -19.80 14.80 26.18
C VAL C 98 -18.44 15.34 25.72
N THR C 99 -18.38 16.62 25.34
CA THR C 99 -17.13 17.16 24.85
C THR C 99 -16.30 17.81 25.95
N SER C 100 -15.77 16.98 26.85
CA SER C 100 -15.02 17.46 27.97
C SER C 100 -13.86 16.53 28.13
N GLY C 101 -12.71 17.12 28.38
CA GLY C 101 -11.54 16.33 28.71
C GLY C 101 -10.49 16.65 27.67
N THR C 102 -9.77 15.62 27.19
CA THR C 102 -8.58 15.91 26.39
C THR C 102 -8.92 15.61 24.94
N PRO C 103 -8.79 16.59 24.06
CA PRO C 103 -9.26 16.30 22.69
C PRO C 103 -8.25 15.48 21.90
N PHE C 104 -8.76 14.81 20.86
CA PHE C 104 -7.86 14.20 19.88
C PHE C 104 -8.51 14.36 18.52
N ASN C 105 -7.67 14.25 17.49
CA ASN C 105 -8.22 14.29 16.12
C ASN C 105 -7.31 13.67 15.09
N LEU C 106 -7.92 12.98 14.12
CA LEU C 106 -7.16 12.42 13.02
C LEU C 106 -7.79 12.99 11.74
N PRO C 107 -7.19 14.00 11.15
CA PRO C 107 -7.59 14.38 9.78
C PRO C 107 -6.83 13.54 8.77
N ILE C 108 -7.47 13.27 7.65
CA ILE C 108 -6.85 12.49 6.55
C ILE C 108 -6.76 13.43 5.34
N GLU C 109 -5.55 13.66 4.81
CA GLU C 109 -5.41 14.39 3.53
C GLU C 109 -5.55 13.48 2.33
N ASN C 110 -5.06 12.26 2.46
CA ASN C 110 -5.11 11.28 1.39
C ASN C 110 -5.20 9.86 2.03
N GLY C 111 -6.22 9.16 1.58
CA GLY C 111 -6.48 7.81 2.12
C GLY C 111 -7.83 7.66 2.78
N LEU C 112 -8.14 6.41 3.17
CA LEU C 112 -9.43 6.06 3.63
C LEU C 112 -9.39 5.26 4.90
N ILE C 113 -10.34 5.53 5.80
CA ILE C 113 -10.43 4.66 6.97
C ILE C 113 -11.16 3.41 6.46
N VAL C 114 -10.60 2.25 6.73
CA VAL C 114 -11.19 0.99 6.24
C VAL C 114 -11.44 -0.04 7.34
N GLY C 115 -11.31 0.36 8.59
CA GLY C 115 -11.60 -0.59 9.71
C GLY C 115 -11.29 0.03 11.04
N PHE C 116 -11.88 -0.58 12.07
CA PHE C 116 -11.75 -0.10 13.44
C PHE C 116 -11.40 -1.23 14.35
N LYS C 117 -10.63 -0.91 15.37
CA LYS C 117 -10.39 -1.86 16.47
C LYS C 117 -10.45 -1.03 17.78
N GLY C 118 -10.53 -1.72 18.91
CA GLY C 118 -10.58 -0.95 20.15
C GLY C 118 -10.97 -1.82 21.31
N SER C 119 -11.50 -1.18 22.32
CA SER C 119 -12.03 -1.96 23.46
C SER C 119 -13.27 -1.27 24.05
N ILE C 120 -14.27 -2.05 24.45
CA ILE C 120 -15.51 -1.44 25.02
C ILE C 120 -15.86 -2.21 26.28
N GLY C 121 -16.04 -1.48 27.37
CA GLY C 121 -16.51 -2.11 28.68
C GLY C 121 -17.87 -1.52 28.95
N TYR C 122 -18.00 -0.67 29.97
CA TYR C 122 -19.22 0.12 30.05
C TYR C 122 -19.23 1.15 28.95
N TRP C 123 -18.03 1.63 28.58
CA TRP C 123 -17.93 2.66 27.55
C TRP C 123 -16.80 2.31 26.61
N LEU C 124 -16.74 2.99 25.49
CA LEU C 124 -15.65 2.82 24.55
C LEU C 124 -14.34 3.31 25.25
N ASP C 125 -13.44 2.37 25.52
CA ASP C 125 -12.20 2.71 26.30
C ASP C 125 -11.15 3.36 25.35
N TYR C 126 -11.00 2.81 24.14
CA TYR C 126 -10.09 3.40 23.14
C TYR C 126 -10.41 2.74 21.80
N PHE C 127 -9.85 3.34 20.77
CA PHE C 127 -9.98 2.74 19.43
C PHE C 127 -8.80 3.18 18.53
N SER C 128 -8.56 2.37 17.49
CA SER C 128 -7.58 2.68 16.39
C SER C 128 -8.31 2.47 15.06
N MET C 129 -7.69 2.94 13.98
CA MET C 129 -8.30 2.95 12.65
C MET C 129 -7.28 2.37 11.67
N TYR C 130 -7.81 1.47 10.82
CA TYR C 130 -7.05 0.95 9.66
C TYR C 130 -7.21 2.00 8.56
N LEU C 131 -6.09 2.33 7.93
CA LEU C 131 -6.03 3.30 6.83
C LEU C 131 -5.48 2.64 5.56
N SER C 132 -6.09 2.97 4.43
CA SER C 132 -5.60 2.46 3.15
C SER C 132 -5.74 3.49 2.06
N LEU C 133 -5.03 3.25 0.95
CA LEU C 133 -5.33 4.03 -0.26
C LEU C 133 -6.58 3.52 -1.01
N GLN D 2 6.99 -12.53 7.88
CA GLN D 2 6.64 -12.93 6.49
C GLN D 2 5.55 -14.02 6.55
N SER D 3 4.31 -13.58 6.64
CA SER D 3 3.21 -14.53 6.59
C SER D 3 2.27 -14.23 5.46
N GLY D 4 1.29 -15.09 5.39
CA GLY D 4 0.19 -14.96 4.45
C GLY D 4 -0.88 -13.98 4.74
N ILE D 5 -0.73 -13.10 5.76
CA ILE D 5 -1.78 -12.14 6.10
C ILE D 5 -1.36 -10.77 5.59
N SER D 6 -2.22 -10.17 4.83
CA SER D 6 -2.01 -8.85 4.28
C SER D 6 -2.00 -7.83 5.42
N GLN D 7 -1.21 -6.77 5.26
CA GLN D 7 -1.21 -5.76 6.30
C GLN D 7 -1.59 -4.40 5.79
N THR D 8 -1.98 -3.55 6.74
CA THR D 8 -2.39 -2.26 6.37
C THR D 8 -1.94 -1.33 7.51
N VAL D 9 -1.85 -0.05 7.16
CA VAL D 9 -1.49 0.96 8.16
C VAL D 9 -2.59 0.99 9.24
N ILE D 10 -2.14 1.14 10.48
CA ILE D 10 -3.09 1.30 11.60
C ILE D 10 -2.60 2.44 12.47
N VAL D 11 -3.48 3.45 12.69
CA VAL D 11 -3.16 4.58 13.56
C VAL D 11 -4.04 4.49 14.79
N GLY D 12 -3.48 4.94 15.90
CA GLY D 12 -4.12 4.89 17.20
C GLY D 12 -3.28 4.07 18.14
N PRO D 13 -3.78 3.84 19.34
CA PRO D 13 -5.14 4.12 19.78
C PRO D 13 -5.35 5.53 20.37
N TRP D 14 -6.59 6.05 20.26
CA TRP D 14 -7.02 7.18 21.06
C TRP D 14 -8.01 6.76 22.09
N GLY D 15 -8.14 7.55 23.15
CA GLY D 15 -8.78 7.05 24.40
C GLY D 15 -7.84 6.62 25.49
N ALA D 16 -8.33 5.87 26.47
CA ALA D 16 -7.46 5.18 27.45
C ALA D 16 -6.62 6.09 28.39
N GLY E 1 27.03 -12.49 -12.69
CA GLY E 1 26.87 -11.08 -13.01
C GLY E 1 26.95 -10.22 -11.76
N LYS E 2 26.71 -8.94 -11.93
CA LYS E 2 26.64 -8.02 -10.83
C LYS E 2 25.15 -7.67 -10.51
N ALA E 3 24.74 -7.97 -9.28
CA ALA E 3 23.39 -7.67 -8.82
C ALA E 3 23.19 -6.19 -8.73
N PHE E 4 21.96 -5.72 -8.95
CA PHE E 4 21.64 -4.31 -8.68
C PHE E 4 20.21 -4.24 -8.11
N ASP E 5 19.99 -3.10 -7.43
CA ASP E 5 18.69 -2.87 -6.84
C ASP E 5 18.45 -1.41 -6.68
N ASP E 6 17.56 -0.86 -7.51
CA ASP E 6 17.37 0.56 -7.48
C ASP E 6 16.46 0.95 -6.27
N GLY E 7 15.62 0.04 -5.80
CA GLY E 7 14.58 0.36 -4.83
C GLY E 7 13.40 1.00 -5.52
N ALA E 8 12.58 1.69 -4.75
CA ALA E 8 11.29 2.16 -5.18
C ALA E 8 11.24 3.71 -5.18
N PHE E 9 10.56 4.24 -6.20
CA PHE E 9 10.46 5.62 -6.38
C PHE E 9 8.99 5.95 -6.58
N THR E 10 8.71 7.11 -7.15
CA THR E 10 7.37 7.48 -7.28
C THR E 10 6.88 7.35 -8.70
N GLY E 11 7.76 6.95 -9.63
CA GLY E 11 7.34 6.50 -10.96
C GLY E 11 8.53 6.59 -11.89
N ILE E 12 8.27 6.60 -13.20
CA ILE E 12 9.35 6.41 -14.21
C ILE E 12 9.23 7.47 -15.27
N ARG E 13 10.30 8.21 -15.44
CA ARG E 13 10.40 9.20 -16.53
C ARG E 13 11.08 8.69 -17.80
N GLU E 14 12.14 7.88 -17.67
CA GLU E 14 12.86 7.46 -18.88
C GLU E 14 13.51 6.11 -18.63
N ILE E 15 13.47 5.29 -19.67
CA ILE E 15 14.26 4.07 -19.62
C ILE E 15 15.32 4.12 -20.69
N ASN E 16 16.55 3.97 -20.28
CA ASN E 16 17.65 3.77 -21.21
C ASN E 16 18.08 2.32 -21.19
N LEU E 17 18.14 1.64 -22.35
CA LEU E 17 18.70 0.30 -22.31
C LEU E 17 19.60 0.09 -23.53
N SER E 18 20.33 -1.00 -23.52
CA SER E 18 21.08 -1.28 -24.76
C SER E 18 20.84 -2.74 -25.11
N TYR E 19 21.08 -3.14 -26.36
CA TYR E 19 20.80 -4.51 -26.77
C TYR E 19 21.68 -4.83 -27.99
N ASN E 20 21.75 -6.12 -28.33
CA ASN E 20 22.33 -6.58 -29.58
C ASN E 20 21.36 -7.54 -30.24
N LYS E 21 21.09 -7.27 -31.54
CA LYS E 21 20.22 -8.05 -32.40
C LYS E 21 20.54 -9.56 -32.50
N GLU E 22 21.68 -9.97 -31.96
CA GLU E 22 22.04 -11.39 -32.00
C GLU E 22 22.22 -12.09 -30.65
N THR E 23 22.45 -11.30 -29.60
CA THR E 23 22.54 -11.90 -28.25
C THR E 23 21.29 -11.54 -27.38
N ALA E 24 21.36 -10.42 -26.67
CA ALA E 24 20.42 -10.11 -25.61
C ALA E 24 20.55 -8.63 -25.15
N ILE E 25 19.80 -8.29 -24.11
CA ILE E 25 19.82 -6.97 -23.51
C ILE E 25 21.14 -6.79 -22.81
N GLY E 26 21.77 -5.62 -22.95
CA GLY E 26 23.06 -5.33 -22.28
C GLY E 26 22.94 -4.43 -21.06
N ASP E 27 22.72 -3.15 -21.26
CA ASP E 27 22.77 -2.15 -20.18
C ASP E 27 21.36 -1.69 -19.85
N PHE E 28 21.22 -1.11 -18.66
CA PHE E 28 19.90 -0.71 -18.18
C PHE E 28 19.98 0.41 -17.18
N GLN E 29 19.28 1.54 -17.47
CA GLN E 29 19.32 2.66 -16.53
C GLN E 29 17.99 3.33 -16.60
N VAL E 30 17.49 3.76 -15.44
CA VAL E 30 16.17 4.36 -15.42
C VAL E 30 16.25 5.75 -14.81
N VAL E 31 15.55 6.72 -15.41
CA VAL E 31 15.36 7.99 -14.81
C VAL E 31 13.98 7.85 -14.15
N TYR E 32 14.01 7.78 -12.81
CA TYR E 32 12.77 7.73 -12.04
C TYR E 32 12.12 9.10 -11.80
N ASP E 33 10.83 9.12 -11.43
CA ASP E 33 10.35 10.32 -10.75
C ASP E 33 10.55 10.10 -9.21
N LEU E 34 10.95 11.15 -8.49
CA LEU E 34 10.89 11.10 -7.05
C LEU E 34 10.17 12.38 -6.58
N ASN E 35 8.95 12.20 -6.13
CA ASN E 35 8.20 13.32 -5.51
C ASN E 35 8.09 14.52 -6.47
N GLY E 36 7.99 14.19 -7.76
CA GLY E 36 7.82 15.20 -8.80
C GLY E 36 9.10 15.74 -9.43
N SER E 37 10.25 15.25 -9.00
CA SER E 37 11.48 15.66 -9.63
C SER E 37 12.20 14.48 -10.22
N PRO E 38 12.99 14.73 -11.27
CA PRO E 38 13.78 13.59 -11.80
C PRO E 38 14.89 13.06 -10.90
N TYR E 39 15.01 11.75 -10.85
CA TYR E 39 16.06 11.11 -10.10
C TYR E 39 16.77 10.14 -11.11
N VAL E 40 18.04 10.39 -11.37
CA VAL E 40 18.75 9.62 -12.39
C VAL E 40 19.35 8.41 -11.69
N GLY E 41 18.78 7.25 -11.99
CA GLY E 41 19.25 6.01 -11.49
C GLY E 41 20.65 5.60 -11.92
N GLN E 42 21.22 4.75 -11.09
CA GLN E 42 22.52 4.15 -11.41
C GLN E 42 22.44 3.49 -12.84
N ASN E 43 23.54 3.49 -13.61
CA ASN E 43 23.48 2.96 -14.94
C ASN E 43 24.06 1.55 -14.81
N HIS E 44 23.26 0.52 -15.02
CA HIS E 44 23.72 -0.84 -14.78
C HIS E 44 24.26 -1.32 -16.10
N LYS E 45 25.58 -1.43 -16.17
CA LYS E 45 26.20 -1.74 -17.50
C LYS E 45 26.66 -3.15 -17.56
N SER E 46 26.65 -3.68 -18.74
CA SER E 46 27.31 -4.91 -19.06
C SER E 46 28.82 -4.89 -18.83
N PHE E 47 29.33 -6.08 -18.56
CA PHE E 47 30.77 -6.35 -18.45
C PHE E 47 31.44 -6.07 -19.81
N ILE E 48 30.68 -6.13 -20.90
CA ILE E 48 31.24 -5.87 -22.25
C ILE E 48 30.53 -4.70 -22.88
N THR E 49 31.02 -4.22 -24.00
CA THR E 49 30.48 -3.05 -24.71
C THR E 49 30.29 -3.47 -26.17
N GLY E 50 29.62 -2.62 -26.94
CA GLY E 50 29.28 -2.94 -28.28
C GLY E 50 27.80 -3.02 -28.59
N PHE E 51 26.95 -2.77 -27.58
CA PHE E 51 25.51 -2.76 -27.77
C PHE E 51 24.98 -1.46 -28.41
N THR E 52 23.76 -1.58 -28.95
CA THR E 52 23.01 -0.47 -29.50
C THR E 52 22.18 0.14 -28.39
N PRO E 53 22.34 1.45 -28.11
CA PRO E 53 21.58 2.09 -27.08
C PRO E 53 20.20 2.57 -27.57
N VAL E 54 19.28 2.74 -26.63
CA VAL E 54 17.90 3.08 -26.91
C VAL E 54 17.47 3.94 -25.75
N LYS E 55 16.83 5.04 -26.03
CA LYS E 55 16.29 5.87 -24.96
C LYS E 55 14.76 5.90 -25.13
N ILE E 56 14.06 5.55 -24.05
CA ILE E 56 12.62 5.56 -24.02
C ILE E 56 12.21 6.71 -23.08
N SER E 57 11.78 7.85 -23.66
CA SER E 57 11.46 9.06 -22.90
C SER E 57 9.97 9.15 -22.78
N LEU E 58 9.46 8.93 -21.58
CA LEU E 58 8.02 8.93 -21.38
C LEU E 58 7.50 10.37 -21.13
N ASP E 59 6.26 10.61 -21.56
CA ASP E 59 5.64 11.91 -21.30
C ASP E 59 5.04 11.82 -19.89
N PHE E 60 5.91 11.86 -18.90
CA PHE E 60 5.48 11.72 -17.50
C PHE E 60 4.85 13.08 -17.06
N PRO E 61 3.70 13.09 -16.30
CA PRO E 61 3.11 11.88 -15.70
C PRO E 61 1.96 11.24 -16.47
N SER E 62 1.56 11.78 -17.65
CA SER E 62 0.35 11.19 -18.27
C SER E 62 0.60 9.79 -18.92
N GLU E 63 1.86 9.56 -19.31
CA GLU E 63 2.23 8.30 -19.96
C GLU E 63 2.95 7.39 -18.92
N TYR E 64 2.49 6.14 -18.83
CA TYR E 64 3.11 5.22 -17.86
C TYR E 64 3.05 3.81 -18.45
N ILE E 65 3.98 3.00 -18.01
CA ILE E 65 4.03 1.62 -18.49
C ILE E 65 2.89 0.74 -18.01
N MET E 66 2.32 -0.03 -18.94
CA MET E 66 1.14 -0.89 -18.60
C MET E 66 1.45 -2.34 -18.82
N GLU E 67 2.58 -2.58 -19.51
CA GLU E 67 3.01 -3.96 -19.68
C GLU E 67 4.47 -4.04 -20.02
N VAL E 68 5.17 -4.96 -19.38
CA VAL E 68 6.56 -5.28 -19.72
C VAL E 68 6.60 -6.73 -20.17
N SER E 69 7.24 -6.97 -21.34
CA SER E 69 7.25 -8.33 -21.83
C SER E 69 8.62 -8.58 -22.41
N GLY E 70 8.86 -9.84 -22.68
CA GLY E 70 10.14 -10.16 -23.29
C GLY E 70 10.35 -11.62 -23.36
N TYR E 71 11.60 -11.98 -23.62
CA TYR E 71 12.01 -13.40 -23.72
C TYR E 71 13.25 -13.67 -22.90
N THR E 72 13.33 -14.89 -22.34
CA THR E 72 14.52 -15.37 -21.67
C THR E 72 15.02 -16.56 -22.45
N GLY E 73 16.33 -16.71 -22.57
CA GLY E 73 16.82 -17.95 -23.19
C GLY E 73 18.33 -17.92 -23.10
N ASN E 74 18.97 -18.92 -23.71
CA ASN E 74 20.39 -19.21 -23.48
C ASN E 74 21.26 -18.48 -24.49
N VAL E 75 22.28 -17.78 -23.99
CA VAL E 75 23.30 -17.15 -24.84
C VAL E 75 24.61 -17.59 -24.18
N SER E 76 25.45 -18.27 -24.98
CA SER E 76 26.75 -18.82 -24.52
C SER E 76 26.66 -19.66 -23.25
N GLY E 77 25.60 -20.43 -23.17
CA GLY E 77 25.34 -21.29 -21.98
C GLY E 77 24.69 -20.66 -20.75
N TYR E 78 24.33 -19.39 -20.83
CA TYR E 78 23.69 -18.68 -19.69
C TYR E 78 22.30 -18.31 -20.04
N VAL E 79 21.39 -18.46 -19.06
CA VAL E 79 20.01 -17.93 -19.23
C VAL E 79 20.04 -16.44 -19.00
N VAL E 80 19.60 -15.70 -20.00
CA VAL E 80 19.59 -14.29 -19.93
C VAL E 80 18.27 -13.71 -20.46
N VAL E 81 18.08 -12.42 -20.23
CA VAL E 81 16.92 -11.76 -20.84
C VAL E 81 17.31 -11.32 -22.25
N ARG E 82 16.70 -11.99 -23.24
CA ARG E 82 17.05 -11.77 -24.63
C ARG E 82 16.37 -10.59 -25.30
N SER E 83 15.16 -10.24 -24.86
CA SER E 83 14.37 -9.19 -25.49
CA SER E 83 14.43 -9.11 -25.46
C SER E 83 13.54 -8.54 -24.40
N LEU E 84 13.28 -7.25 -24.58
CA LEU E 84 12.28 -6.54 -23.79
C LEU E 84 11.42 -5.68 -24.65
N THR E 85 10.20 -5.50 -24.17
CA THR E 85 9.22 -4.65 -24.83
C THR E 85 8.48 -3.90 -23.72
N PHE E 86 8.27 -2.61 -23.88
CA PHE E 86 7.51 -1.87 -22.87
C PHE E 86 6.32 -1.27 -23.54
N LYS E 87 5.11 -1.57 -23.08
CA LYS E 87 3.90 -1.01 -23.64
C LYS E 87 3.40 -0.02 -22.65
N THR E 88 3.15 1.18 -23.08
CA THR E 88 2.52 2.19 -22.19
C THR E 88 1.08 2.41 -22.69
N ASN E 89 0.35 3.31 -21.98
CA ASN E 89 -1.00 3.76 -22.34
C ASN E 89 -0.97 4.57 -23.63
N LYS E 90 0.22 4.90 -24.12
CA LYS E 90 0.32 5.69 -25.33
C LYS E 90 0.92 4.95 -26.51
N LYS E 91 1.88 4.07 -26.25
CA LYS E 91 2.69 3.54 -27.37
C LYS E 91 3.38 2.27 -26.90
N THR E 92 3.93 1.50 -27.84
CA THR E 92 4.76 0.36 -27.59
C THR E 92 6.16 0.67 -27.99
N TYR E 93 7.13 0.29 -27.15
CA TYR E 93 8.52 0.48 -27.40
C TYR E 93 9.15 -0.90 -27.42
N GLY E 94 9.72 -1.23 -28.57
CA GLY E 94 10.36 -2.51 -28.71
C GLY E 94 9.53 -3.38 -29.63
N PRO E 95 9.85 -4.67 -29.69
CA PRO E 95 10.86 -5.34 -28.90
C PRO E 95 12.28 -4.91 -29.23
N TYR E 96 13.15 -4.96 -28.22
CA TYR E 96 14.57 -4.75 -28.36
C TYR E 96 15.23 -6.05 -28.07
N GLY E 97 16.16 -6.53 -28.93
CA GLY E 97 16.96 -7.73 -28.59
C GLY E 97 16.56 -8.86 -29.52
N VAL E 98 16.49 -10.09 -29.02
CA VAL E 98 16.25 -11.27 -29.87
C VAL E 98 15.03 -11.91 -29.25
N THR E 99 13.94 -12.02 -30.02
CA THR E 99 12.72 -12.53 -29.46
C THR E 99 12.64 -14.02 -29.67
N SER E 100 13.45 -14.74 -28.94
CA SER E 100 13.29 -16.17 -28.89
C SER E 100 13.75 -16.70 -27.54
N GLY E 101 13.25 -17.90 -27.25
CA GLY E 101 13.33 -18.58 -25.96
C GLY E 101 11.92 -18.65 -25.36
N THR E 102 11.81 -18.27 -24.09
CA THR E 102 10.59 -18.46 -23.33
C THR E 102 10.03 -17.09 -23.07
N PRO E 103 8.81 -16.84 -23.52
CA PRO E 103 8.29 -15.50 -23.28
C PRO E 103 7.85 -15.31 -21.82
N PHE E 104 7.78 -14.03 -21.45
CA PHE E 104 7.18 -13.69 -20.13
C PHE E 104 6.49 -12.37 -20.33
N ASN E 105 5.50 -12.07 -19.48
CA ASN E 105 4.89 -10.72 -19.60
C ASN E 105 4.20 -10.33 -18.29
N LEU E 106 4.27 -9.06 -17.98
CA LEU E 106 3.62 -8.53 -16.75
C LEU E 106 2.70 -7.39 -17.21
N PRO E 107 1.42 -7.69 -17.43
CA PRO E 107 0.50 -6.57 -17.66
C PRO E 107 0.04 -6.07 -16.34
N ILE E 108 -0.25 -4.79 -16.26
CA ILE E 108 -0.78 -4.27 -14.98
C ILE E 108 -2.12 -3.61 -15.27
N GLU E 109 -3.15 -4.07 -14.55
CA GLU E 109 -4.46 -3.45 -14.61
C GLU E 109 -4.56 -2.27 -13.70
N ASN E 110 -3.96 -2.36 -12.51
CA ASN E 110 -4.02 -1.21 -11.63
C ASN E 110 -2.73 -1.11 -10.88
N GLY E 111 -2.06 0.04 -10.97
CA GLY E 111 -0.81 0.17 -10.25
C GLY E 111 0.35 0.63 -11.17
N LEU E 112 1.54 0.73 -10.61
CA LEU E 112 2.68 1.34 -11.37
C LEU E 112 3.95 0.60 -11.05
N ILE E 113 4.78 0.50 -12.10
CA ILE E 113 6.12 0.04 -11.80
C ILE E 113 6.87 1.20 -11.20
N VAL E 114 7.54 1.04 -10.07
CA VAL E 114 8.23 2.17 -9.45
C VAL E 114 9.72 1.85 -9.18
N GLY E 115 10.28 0.76 -9.72
CA GLY E 115 11.67 0.45 -9.40
C GLY E 115 12.01 -0.87 -10.08
N PHE E 116 13.30 -1.08 -10.23
CA PHE E 116 13.80 -2.29 -10.80
C PHE E 116 15.00 -2.80 -9.99
N LYS E 117 15.14 -4.11 -10.06
CA LYS E 117 16.35 -4.73 -9.47
C LYS E 117 16.68 -5.88 -10.39
N GLY E 118 17.91 -6.39 -10.27
CA GLY E 118 18.29 -7.52 -11.09
C GLY E 118 19.74 -7.85 -11.01
N SER E 119 20.26 -8.39 -12.10
CA SER E 119 21.70 -8.71 -12.21
C SER E 119 22.13 -8.64 -13.70
N ILE E 120 23.31 -8.07 -13.97
CA ILE E 120 23.78 -8.02 -15.37
C ILE E 120 25.22 -8.53 -15.36
N GLY E 121 25.50 -9.43 -16.28
CA GLY E 121 26.90 -9.90 -16.51
C GLY E 121 27.31 -9.42 -17.89
N TYR E 122 27.58 -10.30 -18.84
CA TYR E 122 27.69 -9.86 -20.23
C TYR E 122 26.30 -9.34 -20.66
N TRP E 123 25.24 -9.99 -20.14
CA TRP E 123 23.85 -9.60 -20.52
C TRP E 123 23.01 -9.50 -19.30
N LEU E 124 21.82 -8.94 -19.44
CA LEU E 124 20.90 -8.89 -18.30
C LEU E 124 20.51 -10.33 -17.90
N ASP E 125 20.87 -10.74 -16.69
CA ASP E 125 20.67 -12.15 -16.23
C ASP E 125 19.23 -12.38 -15.82
N TYR E 126 18.71 -11.47 -14.99
CA TYR E 126 17.32 -11.56 -14.50
C TYR E 126 16.91 -10.16 -14.01
N PHE E 127 15.59 -9.93 -13.87
CA PHE E 127 15.18 -8.67 -13.23
C PHE E 127 13.81 -8.82 -12.56
N SER E 128 13.57 -7.92 -11.62
CA SER E 128 12.29 -7.83 -10.91
C SER E 128 11.86 -6.42 -10.86
N MET E 129 10.57 -6.18 -10.59
CA MET E 129 10.03 -4.85 -10.59
C MET E 129 9.29 -4.58 -9.26
N TYR E 130 9.45 -3.38 -8.78
CA TYR E 130 8.69 -2.90 -7.62
C TYR E 130 7.38 -2.34 -8.17
N LEU E 131 6.27 -2.69 -7.51
CA LEU E 131 4.93 -2.19 -7.88
C LEU E 131 4.32 -1.42 -6.74
N SER E 132 3.58 -0.40 -7.11
CA SER E 132 2.86 0.36 -6.08
C SER E 132 1.62 0.92 -6.65
N LEU E 133 0.68 1.27 -5.78
CA LEU E 133 -0.30 2.33 -6.14
C LEU E 133 0.28 3.79 -6.05
N SER F 3 10.96 -3.13 11.52
CA SER F 3 12.02 -2.20 11.06
C SER F 3 11.48 -0.93 10.42
N GLY F 4 12.38 0.03 10.34
CA GLY F 4 12.12 1.39 9.91
C GLY F 4 12.19 1.53 8.43
N ILE F 5 12.23 0.42 7.70
CA ILE F 5 12.31 0.48 6.19
C ILE F 5 10.96 0.21 5.55
N SER F 6 10.44 1.16 4.76
CA SER F 6 9.20 1.01 4.05
C SER F 6 9.32 -0.14 3.08
N GLN F 7 8.22 -0.83 2.81
CA GLN F 7 8.34 -1.85 1.78
C GLN F 7 7.28 -1.78 0.74
N THR F 8 7.55 -2.58 -0.30
CA THR F 8 6.77 -2.43 -1.47
C THR F 8 6.55 -3.85 -2.07
N VAL F 9 5.51 -3.96 -2.91
CA VAL F 9 5.34 -5.24 -3.67
C VAL F 9 6.46 -5.35 -4.69
N ILE F 10 6.99 -6.58 -4.79
CA ILE F 10 8.01 -6.82 -5.79
C ILE F 10 7.61 -8.10 -6.51
N VAL F 11 7.59 -8.01 -7.85
CA VAL F 11 7.26 -9.18 -8.70
C VAL F 11 8.51 -9.52 -9.54
N GLY F 12 8.66 -10.81 -9.79
CA GLY F 12 9.82 -11.38 -10.45
C GLY F 12 10.58 -12.26 -9.48
N PRO F 13 11.76 -12.73 -9.85
CA PRO F 13 12.50 -12.32 -11.04
C PRO F 13 12.15 -13.14 -12.28
N TRP F 14 12.38 -12.53 -13.45
CA TRP F 14 12.40 -13.26 -14.73
C TRP F 14 13.79 -13.35 -15.28
N GLY F 15 14.12 -14.52 -15.84
CA GLY F 15 15.49 -14.77 -16.29
C GLY F 15 16.22 -15.89 -15.57
N ALA F 16 17.55 -15.73 -15.40
CA ALA F 16 18.33 -16.82 -14.85
C ALA F 16 18.06 -17.02 -13.37
N LYS F 17 18.43 -18.21 -12.89
CA LYS F 17 18.77 -18.48 -11.47
C LYS F 17 17.65 -19.10 -10.67
N GLY G 1 -17.44 -15.67 -22.43
CA GLY G 1 -17.53 -16.23 -21.04
C GLY G 1 -18.22 -15.23 -20.14
N LYS G 2 -18.43 -15.65 -18.90
CA LYS G 2 -19.01 -14.86 -17.83
C LYS G 2 -17.87 -14.28 -16.99
N ALA G 3 -17.77 -12.98 -16.93
CA ALA G 3 -16.82 -12.31 -16.07
C ALA G 3 -17.11 -12.56 -14.62
N PHE G 4 -16.05 -12.69 -13.86
CA PHE G 4 -16.15 -12.71 -12.40
C PHE G 4 -15.11 -11.77 -11.81
N ASP G 5 -15.40 -11.26 -10.61
CA ASP G 5 -14.36 -10.47 -9.90
C ASP G 5 -14.62 -10.61 -8.42
N ASP G 6 -13.72 -11.28 -7.75
CA ASP G 6 -13.96 -11.59 -6.35
C ASP G 6 -13.69 -10.40 -5.49
N GLY G 7 -12.80 -9.56 -5.96
CA GLY G 7 -12.34 -8.39 -5.15
C GLY G 7 -11.12 -8.84 -4.37
N ALA G 8 -10.72 -8.00 -3.45
CA ALA G 8 -9.53 -8.24 -2.61
C ALA G 8 -9.89 -8.61 -1.20
N PHE G 9 -9.01 -9.42 -0.62
CA PHE G 9 -9.20 -9.96 0.74
C PHE G 9 -7.87 -9.88 1.51
N THR G 10 -7.76 -10.57 2.64
CA THR G 10 -6.59 -10.52 3.48
C THR G 10 -5.56 -11.64 3.16
N GLY G 11 -5.96 -12.69 2.37
CA GLY G 11 -5.06 -13.80 2.06
C GLY G 11 -5.89 -14.90 1.40
N ILE G 12 -5.26 -16.06 1.19
CA ILE G 12 -5.88 -17.18 0.57
C ILE G 12 -5.74 -18.38 1.45
N ARG G 13 -6.85 -19.06 1.61
CA ARG G 13 -6.83 -20.28 2.36
C ARG G 13 -6.96 -21.52 1.49
N GLU G 14 -7.73 -21.47 0.42
CA GLU G 14 -7.88 -22.70 -0.39
C GLU G 14 -8.31 -22.31 -1.78
N ILE G 15 -7.76 -23.01 -2.79
CA ILE G 15 -8.22 -22.82 -4.16
C ILE G 15 -8.84 -24.13 -4.66
N ASN G 16 -10.10 -24.09 -5.10
CA ASN G 16 -10.76 -25.27 -5.73
C ASN G 16 -10.83 -24.99 -7.21
N LEU G 17 -10.13 -25.79 -8.03
CA LEU G 17 -10.26 -25.56 -9.49
C LEU G 17 -10.60 -26.90 -10.13
N SER G 18 -10.88 -26.89 -11.42
CA SER G 18 -10.93 -28.18 -12.10
C SER G 18 -10.32 -28.04 -13.46
N TYR G 19 -9.93 -29.17 -14.05
CA TYR G 19 -9.30 -29.07 -15.35
C TYR G 19 -9.51 -30.36 -16.13
N ASN G 20 -9.24 -30.26 -17.43
CA ASN G 20 -9.25 -31.44 -18.30
C ASN G 20 -8.04 -31.33 -19.22
N LYS G 21 -7.20 -32.37 -19.21
CA LYS G 21 -6.00 -32.40 -20.05
C LYS G 21 -6.26 -32.29 -21.54
N GLU G 22 -7.37 -32.83 -22.01
CA GLU G 22 -7.76 -32.66 -23.41
C GLU G 22 -8.08 -31.21 -23.74
N THR G 23 -8.49 -30.42 -22.74
CA THR G 23 -8.94 -29.06 -23.04
C THR G 23 -8.19 -28.02 -22.18
N ALA G 24 -8.83 -27.57 -21.11
CA ALA G 24 -8.26 -26.42 -20.36
C ALA G 24 -8.77 -26.42 -18.92
N ILE G 25 -8.44 -25.37 -18.14
CA ILE G 25 -9.02 -25.15 -16.80
C ILE G 25 -10.53 -24.82 -16.93
N GLY G 26 -11.31 -25.38 -16.03
CA GLY G 26 -12.72 -25.22 -16.03
C GLY G 26 -13.17 -24.29 -14.90
N ASP G 27 -13.60 -24.89 -13.82
CA ASP G 27 -14.10 -24.20 -12.66
C ASP G 27 -12.96 -23.60 -11.82
N PHE G 28 -13.34 -22.51 -11.13
CA PHE G 28 -12.38 -21.82 -10.24
C PHE G 28 -13.12 -21.17 -9.06
N GLN G 29 -12.70 -21.51 -7.85
CA GLN G 29 -13.32 -20.99 -6.64
C GLN G 29 -12.25 -20.81 -5.60
N VAL G 30 -12.37 -19.78 -4.74
CA VAL G 30 -11.37 -19.54 -3.74
C VAL G 30 -12.01 -19.34 -2.36
N VAL G 31 -11.41 -19.98 -1.35
CA VAL G 31 -11.72 -19.59 0.02
C VAL G 31 -10.62 -18.62 0.45
N TYR G 32 -11.00 -17.34 0.58
CA TYR G 32 -10.10 -16.32 1.02
C TYR G 32 -9.96 -16.29 2.55
N ASP G 33 -8.96 -15.65 3.05
CA ASP G 33 -9.03 -15.15 4.44
C ASP G 33 -9.58 -13.75 4.46
N LEU G 34 -10.48 -13.48 5.40
CA LEU G 34 -10.94 -12.11 5.59
C LEU G 34 -10.76 -11.82 7.06
N ASN G 35 -9.73 -11.07 7.35
CA ASN G 35 -9.45 -10.62 8.74
C ASN G 35 -9.44 -11.76 9.72
N GLY G 36 -8.79 -12.85 9.28
CA GLY G 36 -8.61 -14.03 10.16
C GLY G 36 -9.71 -15.08 10.05
N SER G 37 -10.81 -14.83 9.32
CA SER G 37 -11.85 -15.84 9.11
C SER G 37 -11.96 -16.35 7.64
N PRO G 38 -12.41 -17.59 7.43
CA PRO G 38 -12.58 -18.01 6.03
C PRO G 38 -13.64 -17.22 5.33
N TYR G 39 -13.41 -16.81 4.08
CA TYR G 39 -14.44 -16.18 3.27
C TYR G 39 -14.65 -17.09 2.10
N VAL G 40 -15.83 -17.67 1.99
CA VAL G 40 -16.02 -18.66 0.90
C VAL G 40 -16.47 -17.92 -0.34
N GLY G 41 -15.56 -17.78 -1.29
CA GLY G 41 -15.97 -17.07 -2.49
C GLY G 41 -16.89 -17.87 -3.38
N GLN G 42 -17.53 -17.16 -4.30
CA GLN G 42 -18.51 -17.77 -5.20
C GLN G 42 -17.81 -18.75 -6.08
N ASN G 43 -18.49 -19.87 -6.37
CA ASN G 43 -17.89 -20.87 -7.30
C ASN G 43 -18.07 -20.44 -8.76
N HIS G 44 -16.98 -20.14 -9.48
CA HIS G 44 -17.13 -19.69 -10.87
C HIS G 44 -17.01 -20.91 -11.75
N LYS G 45 -18.14 -21.31 -12.31
CA LYS G 45 -18.25 -22.66 -12.93
C LYS G 45 -18.15 -22.54 -14.43
N SER G 46 -17.43 -23.47 -15.02
CA SER G 46 -17.53 -23.73 -16.45
C SER G 46 -18.99 -23.90 -16.85
N PHE G 47 -19.32 -23.50 -18.07
CA PHE G 47 -20.64 -23.75 -18.64
C PHE G 47 -20.88 -25.27 -18.87
N ILE G 48 -19.81 -26.06 -18.84
CA ILE G 48 -19.88 -27.53 -19.02
C ILE G 48 -19.28 -28.27 -17.83
N THR G 49 -19.39 -29.59 -17.89
CA THR G 49 -18.96 -30.46 -16.81
C THR G 49 -17.92 -31.37 -17.42
N GLY G 50 -17.48 -32.40 -16.67
CA GLY G 50 -16.46 -33.32 -17.20
C GLY G 50 -15.04 -33.03 -16.76
N PHE G 51 -14.87 -32.06 -15.85
CA PHE G 51 -13.54 -31.76 -15.34
C PHE G 51 -13.10 -32.59 -14.11
N THR G 52 -11.78 -32.66 -13.91
CA THR G 52 -11.24 -33.29 -12.71
C THR G 52 -11.13 -32.15 -11.68
N PRO G 53 -11.62 -32.35 -10.47
CA PRO G 53 -11.49 -31.35 -9.42
C PRO G 53 -10.15 -31.42 -8.69
N VAL G 54 -9.63 -30.25 -8.24
CA VAL G 54 -8.39 -30.10 -7.51
C VAL G 54 -8.66 -29.19 -6.33
N LYS G 55 -8.15 -29.55 -5.15
CA LYS G 55 -8.32 -28.75 -3.95
C LYS G 55 -6.96 -28.49 -3.46
N ILE G 56 -6.57 -27.20 -3.43
CA ILE G 56 -5.26 -26.76 -2.99
C ILE G 56 -5.51 -26.14 -1.63
N SER G 57 -5.28 -26.88 -0.56
CA SER G 57 -5.66 -26.37 0.79
C SER G 57 -4.42 -25.86 1.47
N LEU G 58 -4.32 -24.56 1.73
CA LEU G 58 -3.05 -24.02 2.16
C LEU G 58 -3.04 -24.00 3.71
N ASP G 59 -1.87 -24.21 4.29
CA ASP G 59 -1.59 -24.03 5.73
C ASP G 59 -1.51 -22.51 6.08
N PHE G 60 -2.66 -21.84 5.94
CA PHE G 60 -2.81 -20.36 6.16
C PHE G 60 -2.68 -20.09 7.67
N PRO G 61 -1.95 -19.04 8.09
CA PRO G 61 -1.18 -18.12 7.25
C PRO G 61 0.29 -18.49 7.08
N SER G 62 0.73 -19.65 7.55
CA SER G 62 2.11 -20.00 7.38
C SER G 62 2.54 -20.15 5.91
N GLU G 63 1.63 -20.73 5.10
CA GLU G 63 1.92 -21.09 3.73
C GLU G 63 1.20 -20.07 2.84
N TYR G 64 1.93 -19.53 1.88
CA TYR G 64 1.34 -18.59 0.94
C TYR G 64 1.97 -18.79 -0.39
N ILE G 65 1.20 -18.42 -1.40
CA ILE G 65 1.67 -18.53 -2.77
C ILE G 65 2.74 -17.54 -3.12
N MET G 66 3.80 -18.06 -3.72
CA MET G 66 4.95 -17.28 -4.15
C MET G 66 5.10 -17.20 -5.66
N GLU G 67 4.41 -18.08 -6.39
CA GLU G 67 4.44 -17.97 -7.87
C GLU G 67 3.22 -18.57 -8.47
N VAL G 68 2.64 -17.89 -9.46
CA VAL G 68 1.55 -18.49 -10.24
C VAL G 68 2.06 -18.53 -11.68
N SER G 69 1.95 -19.73 -12.25
CA SER G 69 2.42 -19.90 -13.64
C SER G 69 1.36 -20.63 -14.46
N GLY G 70 1.49 -20.62 -15.80
CA GLY G 70 0.67 -21.52 -16.60
C GLY G 70 0.87 -21.19 -18.06
N TYR G 71 -0.10 -21.65 -18.83
CA TYR G 71 0.02 -21.64 -20.28
C TYR G 71 -1.28 -21.18 -20.83
N THR G 72 -1.24 -20.31 -21.84
CA THR G 72 -2.49 -20.05 -22.56
C THR G 72 -2.43 -20.68 -23.96
N GLY G 73 -3.57 -21.04 -24.55
CA GLY G 73 -3.53 -21.64 -25.88
C GLY G 73 -4.89 -21.70 -26.50
N ASN G 74 -4.94 -22.22 -27.74
CA ASN G 74 -6.20 -22.45 -28.44
C ASN G 74 -6.82 -23.77 -28.09
N VAL G 75 -8.10 -23.71 -27.72
CA VAL G 75 -8.95 -24.87 -27.50
C VAL G 75 -10.21 -24.56 -28.29
N SER G 76 -10.47 -25.33 -29.37
CA SER G 76 -11.73 -25.17 -30.13
C SER G 76 -11.90 -23.77 -30.71
N GLY G 77 -10.77 -23.14 -31.06
CA GLY G 77 -10.71 -21.84 -31.66
C GLY G 77 -10.73 -20.71 -30.66
N TYR G 78 -10.68 -21.05 -29.37
CA TYR G 78 -10.68 -20.04 -28.30
C TYR G 78 -9.36 -20.04 -27.57
N VAL G 79 -8.91 -18.81 -27.31
CA VAL G 79 -7.69 -18.64 -26.49
C VAL G 79 -8.15 -18.72 -25.02
N VAL G 80 -7.57 -19.64 -24.30
CA VAL G 80 -7.97 -19.89 -22.94
C VAL G 80 -6.74 -20.22 -22.12
N VAL G 81 -6.96 -20.29 -20.79
CA VAL G 81 -5.92 -20.71 -19.90
C VAL G 81 -5.93 -22.23 -19.80
N ARG G 82 -4.88 -22.84 -20.38
CA ARG G 82 -4.85 -24.34 -20.44
C ARG G 82 -4.27 -25.04 -19.24
N SER G 83 -3.42 -24.34 -18.48
CA SER G 83 -2.75 -25.02 -17.39
C SER G 83 -2.43 -23.95 -16.32
N LEU G 84 -2.32 -24.37 -15.06
CA LEU G 84 -1.97 -23.49 -13.94
C LEU G 84 -1.11 -24.32 -12.95
N THR G 85 -0.17 -23.62 -12.36
CA THR G 85 0.63 -24.09 -11.27
C THR G 85 0.68 -23.05 -10.18
N PHE G 86 0.59 -23.49 -8.95
CA PHE G 86 0.73 -22.58 -7.76
C PHE G 86 1.90 -23.05 -6.94
N LYS G 87 2.94 -22.24 -6.83
CA LYS G 87 4.10 -22.60 -5.99
C LYS G 87 3.94 -21.83 -4.70
N THR G 88 4.09 -22.50 -3.57
CA THR G 88 4.08 -21.77 -2.29
C THR G 88 5.45 -21.83 -1.67
N ASN G 89 5.59 -21.22 -0.48
CA ASN G 89 6.80 -21.32 0.28
C ASN G 89 7.03 -22.76 0.80
N LYS G 90 6.02 -23.64 0.65
CA LYS G 90 6.09 -25.01 1.15
C LYS G 90 6.12 -26.05 0.08
N LYS G 91 5.46 -25.87 -1.06
CA LYS G 91 5.26 -27.00 -2.01
C LYS G 91 4.80 -26.34 -3.31
N THR G 92 4.84 -27.14 -4.36
CA THR G 92 4.31 -26.82 -5.64
C THR G 92 3.07 -27.59 -5.92
N TYR G 93 2.03 -26.91 -6.40
CA TYR G 93 0.79 -27.55 -6.74
C TYR G 93 0.57 -27.40 -8.24
N GLY G 94 0.53 -28.52 -8.97
CA GLY G 94 0.33 -28.51 -10.39
C GLY G 94 1.63 -28.98 -11.05
N PRO G 95 1.70 -28.91 -12.38
CA PRO G 95 0.69 -28.23 -13.24
C PRO G 95 -0.59 -28.96 -13.34
N TYR G 96 -1.67 -28.20 -13.46
CA TYR G 96 -2.94 -28.75 -13.67
C TYR G 96 -3.33 -28.34 -15.09
N GLY G 97 -3.41 -29.34 -16.00
CA GLY G 97 -3.75 -29.08 -17.37
C GLY G 97 -2.48 -29.13 -18.23
N VAL G 98 -2.64 -29.30 -19.54
CA VAL G 98 -1.42 -29.50 -20.35
C VAL G 98 -0.56 -28.26 -20.46
N THR G 99 0.72 -28.47 -20.39
CA THR G 99 1.66 -27.37 -20.42
C THR G 99 2.10 -27.14 -21.84
N SER G 100 1.17 -26.65 -22.63
CA SER G 100 1.43 -26.43 -24.03
C SER G 100 0.73 -25.16 -24.43
N GLY G 101 1.44 -24.31 -25.14
CA GLY G 101 0.91 -23.04 -25.71
C GLY G 101 1.90 -21.97 -25.25
N THR G 102 1.42 -20.77 -24.85
CA THR G 102 2.32 -19.64 -24.55
C THR G 102 2.42 -19.58 -23.04
N PRO G 103 3.62 -19.75 -22.52
CA PRO G 103 3.73 -19.67 -21.04
C PRO G 103 3.57 -18.30 -20.49
N PHE G 104 3.15 -18.26 -19.21
CA PHE G 104 3.25 -17.00 -18.40
C PHE G 104 3.60 -17.37 -16.99
N ASN G 105 4.13 -16.40 -16.27
CA ASN G 105 4.51 -16.65 -14.87
C ASN G 105 4.62 -15.37 -14.08
N LEU G 106 4.09 -15.42 -12.87
CA LEU G 106 4.16 -14.28 -11.98
C LEU G 106 4.82 -14.75 -10.70
N PRO G 107 6.17 -14.64 -10.59
CA PRO G 107 6.80 -14.85 -9.29
C PRO G 107 6.64 -13.64 -8.38
N ILE G 108 6.51 -13.89 -7.08
CA ILE G 108 6.33 -12.72 -6.12
C ILE G 108 7.54 -12.74 -5.22
N GLU G 109 8.35 -11.67 -5.22
CA GLU G 109 9.44 -11.57 -4.27
C GLU G 109 8.93 -11.05 -2.94
N ASN G 110 7.97 -10.11 -2.98
CA ASN G 110 7.44 -9.49 -1.81
C ASN G 110 6.01 -9.10 -2.04
N GLY G 111 5.15 -9.53 -1.14
CA GLY G 111 3.72 -9.32 -1.31
C GLY G 111 2.90 -10.57 -1.41
N LEU G 112 1.60 -10.38 -1.55
CA LEU G 112 0.66 -11.55 -1.47
C LEU G 112 -0.39 -11.37 -2.53
N ILE G 113 -0.82 -12.48 -3.14
CA ILE G 113 -2.05 -12.53 -3.97
C ILE G 113 -3.23 -12.52 -2.98
N VAL G 114 -4.14 -11.58 -3.14
CA VAL G 114 -5.31 -11.47 -2.24
C VAL G 114 -6.67 -11.46 -2.98
N GLY G 115 -6.72 -11.82 -4.28
CA GLY G 115 -7.97 -11.74 -5.00
C GLY G 115 -7.72 -12.24 -6.40
N PHE G 116 -8.79 -12.72 -7.00
CA PHE G 116 -8.80 -13.11 -8.43
C PHE G 116 -9.96 -12.49 -9.15
N LYS G 117 -9.78 -12.17 -10.45
CA LYS G 117 -10.91 -11.75 -11.31
C LYS G 117 -10.62 -12.41 -12.65
N GLY G 118 -11.63 -12.50 -13.52
CA GLY G 118 -11.39 -13.11 -14.80
C GLY G 118 -12.68 -13.37 -15.50
N SER G 119 -12.68 -14.40 -16.33
CA SER G 119 -13.89 -14.80 -17.12
C SER G 119 -13.79 -16.29 -17.44
N ILE G 120 -14.92 -17.00 -17.31
CA ILE G 120 -14.94 -18.41 -17.59
C ILE G 120 -16.15 -18.64 -18.52
N GLY G 121 -15.89 -19.34 -19.63
CA GLY G 121 -16.94 -19.77 -20.61
C GLY G 121 -17.00 -21.29 -20.46
N TYR G 122 -16.72 -22.03 -21.54
CA TYR G 122 -16.42 -23.45 -21.33
C TYR G 122 -15.16 -23.58 -20.49
N TRP G 123 -14.24 -22.62 -20.64
CA TRP G 123 -12.93 -22.75 -19.95
C TRP G 123 -12.59 -21.41 -19.41
N LEU G 124 -11.58 -21.38 -18.56
CA LEU G 124 -11.06 -20.11 -18.00
C LEU G 124 -10.50 -19.33 -19.18
N ASP G 125 -11.10 -18.21 -19.50
CA ASP G 125 -10.69 -17.40 -20.67
C ASP G 125 -9.46 -16.59 -20.34
N TYR G 126 -9.53 -15.91 -19.19
CA TYR G 126 -8.44 -15.03 -18.75
C TYR G 126 -8.58 -14.82 -17.26
N PHE G 127 -7.53 -14.34 -16.65
CA PHE G 127 -7.64 -13.92 -15.21
C PHE G 127 -6.63 -12.86 -14.87
N SER G 128 -6.90 -12.16 -13.78
CA SER G 128 -5.95 -11.26 -13.15
C SER G 128 -5.91 -11.52 -11.64
N MET G 129 -4.92 -10.93 -10.97
CA MET G 129 -4.69 -11.16 -9.56
C MET G 129 -4.54 -9.82 -8.86
N TYR G 130 -5.18 -9.70 -7.70
CA TYR G 130 -4.96 -8.55 -6.85
C TYR G 130 -3.74 -8.88 -5.98
N LEU G 131 -2.84 -7.90 -5.75
CA LEU G 131 -1.66 -8.10 -4.95
C LEU G 131 -1.69 -7.05 -3.86
N SER G 132 -1.14 -7.46 -2.70
CA SER G 132 -1.04 -6.48 -1.61
C SER G 132 0.16 -6.81 -0.81
N LEU G 133 0.57 -5.89 0.08
CA LEU G 133 1.49 -6.30 1.15
C LEU G 133 0.71 -6.75 2.37
N SER H 3 -13.80 9.32 -4.20
CA SER H 3 -14.37 7.95 -3.90
C SER H 3 -13.89 7.26 -2.61
N GLY H 4 -14.87 6.60 -2.04
CA GLY H 4 -14.74 5.93 -0.78
C GLY H 4 -14.33 4.47 -0.91
N ILE H 5 -14.03 3.99 -2.13
CA ILE H 5 -13.57 2.58 -2.25
C ILE H 5 -12.07 2.53 -2.31
N SER H 6 -11.49 1.67 -1.47
CA SER H 6 -10.06 1.54 -1.49
C SER H 6 -9.58 0.74 -2.71
N GLN H 7 -8.30 0.94 -2.97
CA GLN H 7 -7.62 0.45 -4.21
C GLN H 7 -6.56 -0.59 -3.89
N THR H 8 -6.27 -1.45 -4.89
CA THR H 8 -5.27 -2.46 -4.72
C THR H 8 -4.51 -2.66 -6.06
N VAL H 9 -3.25 -3.04 -6.03
CA VAL H 9 -2.58 -3.40 -7.28
C VAL H 9 -3.25 -4.58 -7.92
N ILE H 10 -3.33 -4.58 -9.27
CA ILE H 10 -3.86 -5.75 -9.94
C ILE H 10 -2.98 -6.02 -11.19
N VAL H 11 -2.53 -7.27 -11.31
CA VAL H 11 -1.68 -7.66 -12.44
C VAL H 11 -2.42 -8.65 -13.26
N GLY H 12 -2.18 -8.55 -14.56
CA GLY H 12 -2.93 -9.44 -15.46
C GLY H 12 -3.62 -8.49 -16.45
N PRO H 13 -4.49 -9.02 -17.33
CA PRO H 13 -4.92 -10.38 -17.39
C PRO H 13 -3.98 -11.22 -18.25
N TRP H 14 -3.99 -12.51 -17.95
CA TRP H 14 -3.40 -13.52 -18.83
C TRP H 14 -4.47 -14.36 -19.43
N GLY H 15 -4.34 -14.65 -20.75
CA GLY H 15 -5.44 -15.40 -21.39
C GLY H 15 -5.89 -14.77 -22.68
N ALA H 16 -7.16 -14.93 -23.00
CA ALA H 16 -7.79 -14.27 -24.14
C ALA H 16 -7.93 -12.73 -23.99
N LYS H 17 -7.91 -12.01 -25.11
CA LYS H 17 -8.32 -10.60 -25.13
C LYS H 17 -9.72 -10.41 -24.55
#